data_9MZX
#
_entry.id   9MZX
#
_cell.length_a   50.407
_cell.length_b   101.124
_cell.length_c   130.664
_cell.angle_alpha   90.00
_cell.angle_beta   90.00
_cell.angle_gamma   90.00
#
_symmetry.space_group_name_H-M   'P 21 21 21'
#
loop_
_entity.id
_entity.type
_entity.pdbx_description
1 polymer 'Receptor-interacting serine/threonine-protein kinase 1'
2 non-polymer 1-[(2S,5S)-2,3-dihydro-2,5-methano-1,4-benzoxazepin-4(5H)-yl]-2,2-dimethylpropan-1-one
3 non-polymer 'IODIDE ION'
4 water water
#
_entity_poly.entity_id   1
_entity_poly.type   'polypeptide(L)'
_entity_poly.pdbx_seq_one_letter_code
;SLNVIKMKSSDFLESAELDSGGFGKVSLAFHRTQGLMIMKTVYKGPNCIEHNEALLEEAKMMNRLRHSRVVKLLGVIIEE
GKYSLVMEYMEKGNLMHVLKAEMSTPLSVKGRIILEIIEGMAYLHGKGVIHKDLKPENILVDNDFHIKIADLGLASFKMW
SKLNNEEHNELREVDGTAKKNGGTLYYMAPEHLNDVNAKPTEKSDVYSFAVVLWAIFANKEPYENAIAEQQLIMAIKSGN
RPDVDDITEYCPREIISLMKLCWEANPEARPTFPGIEEKFRPFYLSQLE
;
_entity_poly.pdbx_strand_id   A,B
#
loop_
_chem_comp.id
_chem_comp.type
_chem_comp.name
_chem_comp.formula
A1BU4 non-polymer 1-[(2S,5S)-2,3-dihydro-2,5-methano-1,4-benzoxazepin-4(5H)-yl]-2,2-dimethylpropan-1-one 'C15 H19 N O2'
IOD non-polymer 'IODIDE ION' 'I -1'
#
# COMPACT_ATOMS: atom_id res chain seq x y z
N SER A 1 2.93 19.91 0.67
CA SER A 1 3.40 18.55 0.25
C SER A 1 4.79 18.21 0.83
N LEU A 2 4.91 17.01 1.40
CA LEU A 2 6.09 16.48 2.13
C LEU A 2 6.47 17.06 3.50
N ASN A 3 6.10 18.30 3.79
CA ASN A 3 6.34 18.97 5.08
C ASN A 3 5.01 19.27 5.74
N VAL A 4 5.05 19.47 7.06
CA VAL A 4 3.83 19.75 7.84
C VAL A 4 3.35 21.17 7.49
N ILE A 5 2.11 21.27 7.01
CA ILE A 5 1.49 22.55 6.66
C ILE A 5 1.07 23.23 7.98
N LYS A 6 1.78 24.31 8.32
CA LYS A 6 1.36 25.21 9.39
C LYS A 6 0.18 26.01 8.84
N MET A 7 -0.99 25.81 9.43
CA MET A 7 -2.22 26.49 9.08
C MET A 7 -2.58 27.52 10.14
N LYS A 8 -3.45 28.44 9.73
CA LYS A 8 -3.95 29.52 10.55
C LYS A 8 -5.45 29.34 10.75
N SER A 9 -5.96 29.73 11.90
CA SER A 9 -7.42 29.78 12.15
C SER A 9 -8.18 30.61 11.08
N SER A 10 -7.57 31.71 10.62
CA SER A 10 -8.09 32.55 9.52
C SER A 10 -8.24 31.87 8.15
N ASP A 11 -7.55 30.74 7.93
CA ASP A 11 -7.80 29.88 6.75
C ASP A 11 -9.18 29.20 6.71
N PHE A 12 -9.88 29.15 7.85
CA PHE A 12 -11.19 28.50 7.96
C PHE A 12 -12.34 29.51 8.04
N LEU A 13 -13.39 29.24 7.24
CA LEU A 13 -14.52 30.16 7.04
C LEU A 13 -15.49 30.09 8.20
N GLU A 14 -15.83 28.86 8.57
CA GLU A 14 -16.47 28.57 9.85
C GLU A 14 -16.06 27.18 10.35
N SER A 15 -16.32 26.98 11.64
CA SER A 15 -15.99 25.75 12.36
C SER A 15 -17.21 25.36 13.18
N ALA A 16 -18.10 24.57 12.56
CA ALA A 16 -19.28 24.01 13.22
C ALA A 16 -18.90 22.72 13.95
N GLU A 17 -19.32 22.59 15.22
CA GLU A 17 -19.01 21.39 16.05
C GLU A 17 -19.74 20.14 15.60
N LYS A 25 -11.73 18.91 21.80
CA LYS A 25 -12.74 19.57 20.98
C LYS A 25 -12.58 19.26 19.47
N VAL A 26 -13.34 18.26 18.99
CA VAL A 26 -13.42 17.88 17.56
C VAL A 26 -14.53 18.69 16.91
N SER A 27 -14.22 19.37 15.80
CA SER A 27 -15.21 20.14 15.03
C SER A 27 -14.97 20.07 13.53
N LEU A 28 -16.05 20.20 12.77
CA LEU A 28 -16.01 20.22 11.31
C LEU A 28 -15.65 21.64 10.87
N ALA A 29 -14.83 21.75 9.83
CA ALA A 29 -14.20 23.02 9.44
C ALA A 29 -13.97 23.08 7.94
N PHE A 30 -14.27 24.23 7.32
CA PHE A 30 -14.06 24.44 5.88
C PHE A 30 -12.86 25.34 5.58
N HIS A 31 -11.84 24.77 4.95
CA HIS A 31 -10.66 25.51 4.48
C HIS A 31 -11.00 26.31 3.22
N ARG A 32 -10.51 27.55 3.13
CA ARG A 32 -10.88 28.53 2.08
C ARG A 32 -10.55 28.05 0.65
N THR A 33 -9.34 27.52 0.47
CA THR A 33 -8.89 26.88 -0.79
C THR A 33 -8.94 25.34 -0.89
N GLN A 34 -9.12 24.61 0.22
CA GLN A 34 -8.91 23.13 0.31
C GLN A 34 -10.13 22.29 0.77
N GLY A 35 -11.31 22.89 0.91
CA GLY A 35 -12.52 22.17 1.22
C GLY A 35 -12.71 21.74 2.67
N LEU A 36 -13.55 20.71 2.83
CA LEU A 36 -14.03 20.30 4.13
C LEU A 36 -13.01 19.43 4.84
N MET A 37 -12.79 19.74 6.12
CA MET A 37 -11.81 19.09 6.98
C MET A 37 -12.36 18.91 8.40
N ILE A 38 -11.61 18.20 9.24
CA ILE A 38 -11.93 18.02 10.65
C ILE A 38 -10.81 18.65 11.47
N MET A 39 -11.18 19.46 12.45
CA MET A 39 -10.24 20.14 13.34
C MET A 39 -10.36 19.55 14.74
N LYS A 40 -9.33 18.83 15.16
CA LYS A 40 -9.21 18.40 16.54
C LYS A 40 -8.35 19.45 17.25
N THR A 41 -9.02 20.31 18.03
CA THR A 41 -8.34 21.32 18.84
C THR A 41 -8.00 20.68 20.19
N VAL A 42 -6.70 20.50 20.41
CA VAL A 42 -6.17 19.76 21.54
C VAL A 42 -6.14 20.65 22.78
N TYR A 43 -5.58 21.85 22.65
CA TYR A 43 -5.48 22.83 23.77
C TYR A 43 -5.92 24.22 23.32
N LYS A 44 -6.71 24.88 24.17
CA LYS A 44 -7.18 26.26 23.98
C LYS A 44 -7.14 26.96 25.34
N GLY A 45 -6.48 28.11 25.42
CA GLY A 45 -6.37 28.90 26.67
C GLY A 45 -5.12 29.76 26.70
N PRO A 46 -4.48 29.93 27.89
CA PRO A 46 -3.25 30.73 27.97
C PRO A 46 -2.07 30.05 27.27
N ASN A 47 -1.29 30.83 26.51
CA ASN A 47 -0.19 30.28 25.71
C ASN A 47 1.02 29.93 26.58
N CYS A 48 1.68 28.81 26.24
CA CYS A 48 2.86 28.29 26.95
C CYS A 48 3.87 27.67 25.97
N ILE A 49 4.92 28.44 25.67
CA ILE A 49 6.05 28.03 24.79
C ILE A 49 7.06 27.20 25.62
N GLU A 50 7.82 26.34 24.93
CA GLU A 50 8.77 25.32 25.45
C GLU A 50 8.22 23.89 25.22
N HIS A 51 6.99 23.79 24.70
CA HIS A 51 6.53 22.62 23.99
C HIS A 51 6.42 22.81 22.47
N ASN A 52 6.37 24.04 21.94
CA ASN A 52 6.11 24.29 20.49
C ASN A 52 7.11 23.65 19.54
N GLU A 53 8.38 23.64 19.91
CA GLU A 53 9.44 22.99 19.12
C GLU A 53 9.20 21.49 19.07
N ALA A 54 8.93 20.89 20.23
CA ALA A 54 8.59 19.46 20.35
C ALA A 54 7.25 19.09 19.70
N LEU A 55 6.25 19.95 19.86
CA LEU A 55 4.92 19.77 19.25
C LEU A 55 4.97 19.79 17.73
N LEU A 56 5.71 20.75 17.18
CA LEU A 56 5.91 20.84 15.73
C LEU A 56 6.64 19.63 15.20
N GLU A 57 7.70 19.21 15.91
CA GLU A 57 8.46 18.00 15.55
C GLU A 57 7.58 16.74 15.55
N GLU A 58 6.69 16.61 16.54
CA GLU A 58 5.71 15.51 16.56
C GLU A 58 4.71 15.58 15.42
N ALA A 59 4.27 16.78 15.07
CA ALA A 59 3.42 16.98 13.89
C ALA A 59 4.16 16.65 12.59
N LYS A 60 5.48 16.90 12.53
CA LYS A 60 6.35 16.42 11.43
C LYS A 60 6.37 14.88 11.33
N MET A 61 6.43 14.19 12.47
N MET A 61 6.42 14.18 12.46
CA MET A 61 6.36 12.71 12.50
CA MET A 61 6.37 12.72 12.49
C MET A 61 5.00 12.19 12.02
C MET A 61 5.00 12.18 12.02
N MET A 62 3.91 12.83 12.47
CA MET A 62 2.55 12.54 11.96
C MET A 62 2.42 12.70 10.43
N ASN A 63 3.05 13.74 9.91
CA ASN A 63 3.05 14.07 8.51
C ASN A 63 3.75 13.03 7.60
N ARG A 64 4.74 12.29 8.14
CA ARG A 64 5.42 11.18 7.41
C ARG A 64 4.50 10.01 6.99
N LEU A 65 3.43 9.78 7.77
CA LEU A 65 2.57 8.61 7.61
C LEU A 65 1.45 8.85 6.60
N ARG A 66 1.75 8.55 5.34
CA ARG A 66 0.82 8.72 4.20
C ARG A 66 0.43 7.34 3.66
N HIS A 67 -0.85 7.02 3.72
CA HIS A 67 -1.37 5.74 3.26
C HIS A 67 -2.89 5.83 3.16
N SER A 68 -3.47 5.24 2.12
CA SER A 68 -4.92 5.30 1.86
C SER A 68 -5.84 4.80 3.00
N ARG A 69 -5.32 3.90 3.83
CA ARG A 69 -6.00 3.39 5.04
C ARG A 69 -5.47 3.97 6.36
N VAL A 70 -4.83 5.14 6.31
CA VAL A 70 -4.36 5.84 7.50
C VAL A 70 -4.86 7.28 7.39
N VAL A 71 -5.38 7.82 8.48
CA VAL A 71 -5.92 9.20 8.51
C VAL A 71 -4.75 10.17 8.29
N LYS A 72 -4.85 11.02 7.26
CA LYS A 72 -3.78 11.96 6.90
C LYS A 72 -3.94 13.23 7.74
N LEU A 73 -2.82 13.72 8.25
CA LEU A 73 -2.77 15.05 8.89
C LEU A 73 -2.62 16.04 7.75
N LEU A 74 -3.66 16.83 7.51
CA LEU A 74 -3.65 17.86 6.46
C LEU A 74 -2.87 19.12 6.86
N GLY A 75 -2.85 19.41 8.16
CA GLY A 75 -2.01 20.47 8.69
C GLY A 75 -2.13 20.56 10.19
N VAL A 76 -1.44 21.56 10.75
CA VAL A 76 -1.41 21.81 12.19
C VAL A 76 -1.58 23.32 12.45
N ILE A 77 -2.32 23.67 13.51
CA ILE A 77 -2.43 25.05 13.99
C ILE A 77 -1.62 25.10 15.27
N ILE A 78 -0.59 25.93 15.28
CA ILE A 78 0.17 26.26 16.49
C ILE A 78 0.10 27.78 16.56
N GLU A 79 -0.78 28.30 17.42
CA GLU A 79 -0.97 29.73 17.64
C GLU A 79 -0.81 30.09 19.12
N GLU A 80 -0.86 31.40 19.40
CA GLU A 80 -0.81 31.91 20.77
C GLU A 80 -2.07 31.43 21.52
N GLY A 81 -1.91 30.31 22.22
CA GLY A 81 -2.97 29.77 23.07
C GLY A 81 -3.79 28.61 22.51
N LYS A 82 -3.89 28.51 21.18
CA LYS A 82 -4.67 27.47 20.49
C LYS A 82 -3.73 26.47 19.81
N TYR A 83 -4.02 25.17 19.96
CA TYR A 83 -3.25 24.08 19.33
C TYR A 83 -4.24 23.07 18.76
N SER A 84 -4.10 22.78 17.46
CA SER A 84 -5.04 21.92 16.73
C SER A 84 -4.35 21.05 15.70
N LEU A 85 -4.90 19.86 15.52
CA LEU A 85 -4.53 18.97 14.42
C LEU A 85 -5.70 18.99 13.46
N VAL A 86 -5.37 19.08 12.18
CA VAL A 86 -6.35 19.18 11.11
C VAL A 86 -6.18 17.96 10.24
N MET A 87 -7.25 17.18 10.14
CA MET A 87 -7.25 15.91 9.44
C MET A 87 -8.47 15.79 8.56
N GLU A 88 -8.44 14.76 7.73
CA GLU A 88 -9.48 14.59 6.70
C GLU A 88 -10.79 14.06 7.27
N TYR A 89 -11.88 14.46 6.62
CA TYR A 89 -13.25 14.16 7.06
C TYR A 89 -13.62 12.75 6.66
N MET A 90 -14.21 12.02 7.61
CA MET A 90 -14.76 10.68 7.38
C MET A 90 -16.22 10.73 7.80
N GLU A 91 -17.11 10.74 6.81
CA GLU A 91 -18.52 11.09 6.99
C GLU A 91 -19.30 10.17 7.94
N LYS A 92 -19.11 8.86 7.83
CA LYS A 92 -19.84 7.85 8.63
C LYS A 92 -19.31 7.60 10.06
N GLY A 93 -18.23 8.28 10.42
CA GLY A 93 -17.76 8.29 11.81
C GLY A 93 -16.94 7.07 12.07
N ASN A 94 -16.85 6.66 13.34
CA ASN A 94 -16.04 5.49 13.69
C ASN A 94 -16.73 4.17 13.33
N LEU A 95 -15.95 3.09 13.37
CA LEU A 95 -16.41 1.76 12.96
C LEU A 95 -17.59 1.26 13.80
N MET A 96 -17.56 1.48 15.12
CA MET A 96 -18.64 1.05 16.01
C MET A 96 -19.97 1.76 15.75
N HIS A 97 -19.92 3.06 15.43
CA HIS A 97 -21.10 3.81 14.98
C HIS A 97 -21.74 3.18 13.74
N VAL A 98 -20.90 2.75 12.80
CA VAL A 98 -21.35 2.09 11.56
C VAL A 98 -21.94 0.69 11.85
N LEU A 99 -21.28 -0.09 12.71
CA LEU A 99 -21.76 -1.41 13.11
C LEU A 99 -23.07 -1.39 13.93
N LYS A 100 -23.20 -0.43 14.85
CA LYS A 100 -24.43 -0.23 15.63
C LYS A 100 -25.58 0.48 14.87
N ALA A 101 -25.36 0.97 13.64
CA ALA A 101 -26.42 1.60 12.83
C ALA A 101 -27.53 0.63 12.41
N GLU A 102 -28.72 1.18 12.18
CA GLU A 102 -29.95 0.41 11.88
C GLU A 102 -29.85 -0.45 10.61
N MET A 103 -29.19 0.07 9.57
CA MET A 103 -28.84 -0.72 8.38
C MET A 103 -27.63 -1.60 8.71
N SER A 104 -27.79 -2.92 8.60
CA SER A 104 -26.73 -3.91 8.85
C SER A 104 -25.76 -3.96 7.65
N THR A 105 -24.45 -3.90 7.94
CA THR A 105 -23.41 -3.89 6.91
C THR A 105 -23.18 -5.33 6.40
N PRO A 106 -23.23 -5.57 5.06
CA PRO A 106 -23.04 -6.96 4.55
C PRO A 106 -21.62 -7.51 4.73
N LEU A 107 -21.53 -8.84 4.67
CA LEU A 107 -20.26 -9.57 4.81
C LEU A 107 -19.15 -9.13 3.86
N SER A 108 -19.52 -8.84 2.61
CA SER A 108 -18.56 -8.38 1.59
C SER A 108 -17.89 -7.07 1.96
N VAL A 109 -18.66 -6.14 2.50
CA VAL A 109 -18.12 -4.86 3.02
C VAL A 109 -17.26 -5.11 4.27
N LYS A 110 -17.75 -5.92 5.20
CA LYS A 110 -16.97 -6.29 6.42
C LYS A 110 -15.63 -6.96 6.11
N GLY A 111 -15.61 -7.83 5.10
CA GLY A 111 -14.38 -8.43 4.57
C GLY A 111 -13.38 -7.41 4.06
N ARG A 112 -13.89 -6.45 3.30
CA ARG A 112 -13.07 -5.34 2.77
C ARG A 112 -12.53 -4.45 3.88
N ILE A 113 -13.39 -4.16 4.87
CA ILE A 113 -12.99 -3.40 6.08
C ILE A 113 -11.80 -4.06 6.77
N ILE A 114 -11.92 -5.36 7.03
CA ILE A 114 -10.85 -6.16 7.67
C ILE A 114 -9.56 -6.10 6.88
N LEU A 115 -9.67 -6.31 5.57
CA LEU A 115 -8.52 -6.21 4.68
C LEU A 115 -7.90 -4.83 4.71
N GLU A 116 -8.74 -3.79 4.66
CA GLU A 116 -8.25 -2.41 4.76
C GLU A 116 -7.59 -2.08 6.10
N ILE A 117 -8.14 -2.60 7.21
CA ILE A 117 -7.50 -2.49 8.54
C ILE A 117 -6.12 -3.15 8.53
N ILE A 118 -6.01 -4.34 7.94
CA ILE A 118 -4.73 -5.08 7.82
C ILE A 118 -3.72 -4.26 7.01
N GLU A 119 -4.13 -3.80 5.82
CA GLU A 119 -3.30 -2.94 4.94
C GLU A 119 -2.72 -1.74 5.70
N GLY A 120 -3.62 -1.03 6.39
CA GLY A 120 -3.27 0.15 7.18
C GLY A 120 -2.31 -0.14 8.32
N MET A 121 -2.62 -1.17 9.09
CA MET A 121 -1.72 -1.64 10.17
C MET A 121 -0.38 -2.16 9.69
N ALA A 122 -0.39 -2.84 8.54
CA ALA A 122 0.84 -3.31 7.91
C ALA A 122 1.75 -2.14 7.49
N TYR A 123 1.15 -1.06 6.97
CA TYR A 123 1.88 0.16 6.64
C TYR A 123 2.57 0.77 7.87
N LEU A 124 1.80 0.94 8.94
CA LEU A 124 2.30 1.57 10.19
C LEU A 124 3.44 0.81 10.84
N HIS A 125 3.27 -0.51 10.94
CA HIS A 125 4.36 -1.40 11.43
C HIS A 125 5.61 -1.33 10.57
N GLY A 126 5.43 -1.33 9.26
CA GLY A 126 6.51 -1.04 8.28
C GLY A 126 7.25 0.27 8.45
N LYS A 127 6.54 1.29 8.95
CA LYS A 127 7.11 2.60 9.32
C LYS A 127 7.61 2.71 10.79
N GLY A 128 7.73 1.59 11.50
CA GLY A 128 8.19 1.56 12.89
C GLY A 128 7.22 2.10 13.94
N VAL A 129 5.93 2.14 13.59
CA VAL A 129 4.91 2.77 14.41
C VAL A 129 4.06 1.66 14.99
N ILE A 130 4.14 1.49 16.30
CA ILE A 130 3.19 0.66 17.03
C ILE A 130 2.05 1.59 17.45
N HIS A 131 0.83 1.18 17.16
CA HIS A 131 -0.37 1.95 17.50
C HIS A 131 -0.57 2.06 19.00
N LYS A 132 -0.54 0.91 19.69
CA LYS A 132 -0.73 0.80 21.16
C LYS A 132 -2.19 0.92 21.65
N ASP A 133 -3.13 1.30 20.76
CA ASP A 133 -4.51 1.69 21.12
C ASP A 133 -5.47 1.57 19.92
N LEU A 134 -5.37 0.43 19.24
CA LEU A 134 -6.22 0.09 18.11
C LEU A 134 -7.56 -0.38 18.69
N LYS A 135 -8.65 0.21 18.19
CA LYS A 135 -10.01 -0.10 18.62
C LYS A 135 -10.99 0.52 17.59
N PRO A 136 -12.29 0.15 17.64
CA PRO A 136 -13.23 0.72 16.65
C PRO A 136 -13.36 2.24 16.64
N GLU A 137 -13.27 2.89 17.81
CA GLU A 137 -13.21 4.37 17.94
C GLU A 137 -12.07 5.04 17.11
N ASN A 138 -10.95 4.32 16.95
CA ASN A 138 -9.80 4.71 16.13
C ASN A 138 -9.81 4.12 14.68
N ILE A 139 -10.97 3.72 14.19
CA ILE A 139 -11.14 3.18 12.84
C ILE A 139 -12.28 4.01 12.26
N LEU A 140 -11.95 5.00 11.44
CA LEU A 140 -12.93 5.91 10.87
C LEU A 140 -13.36 5.40 9.50
N VAL A 141 -14.58 5.78 9.08
CA VAL A 141 -15.27 5.21 7.93
C VAL A 141 -15.79 6.36 7.05
N ASP A 142 -15.46 6.32 5.76
CA ASP A 142 -15.98 7.31 4.78
C ASP A 142 -17.37 6.93 4.25
N ASN A 143 -17.94 7.75 3.38
CA ASN A 143 -19.31 7.53 2.88
C ASN A 143 -19.48 6.26 2.04
N ASP A 144 -18.43 5.85 1.34
CA ASP A 144 -18.37 4.59 0.57
C ASP A 144 -17.86 3.37 1.37
N PHE A 145 -17.96 3.40 2.71
CA PHE A 145 -17.54 2.29 3.60
C PHE A 145 -16.07 1.87 3.57
N HIS A 146 -15.19 2.71 2.99
CA HIS A 146 -13.74 2.50 3.09
C HIS A 146 -13.26 3.11 4.40
N ILE A 147 -12.26 2.50 5.00
CA ILE A 147 -11.79 2.87 6.35
C ILE A 147 -10.44 3.55 6.32
N LYS A 148 -10.12 4.21 7.44
CA LYS A 148 -8.78 4.76 7.73
C LYS A 148 -8.52 4.61 9.22
N ILE A 149 -7.33 4.15 9.56
CA ILE A 149 -6.91 4.02 10.97
C ILE A 149 -6.48 5.40 11.50
N ALA A 150 -6.95 5.72 12.70
CA ALA A 150 -6.68 7.00 13.38
C ALA A 150 -5.98 6.74 14.69
N ASP A 151 -5.41 7.80 15.26
CA ASP A 151 -4.86 7.78 16.63
C ASP A 151 -5.40 8.99 17.37
N LEU A 152 -6.71 8.95 17.67
CA LEU A 152 -7.42 10.10 18.24
C LEU A 152 -7.07 10.39 19.70
N GLY A 153 -6.74 9.36 20.47
CA GLY A 153 -6.14 9.52 21.81
C GLY A 153 -4.65 9.88 21.88
N LEU A 154 -3.99 10.00 20.73
CA LEU A 154 -2.60 10.48 20.61
C LEU A 154 -1.59 9.58 21.37
N ALA A 155 -1.82 8.27 21.30
CA ALA A 155 -0.96 7.26 21.94
C ALA A 155 0.49 7.25 21.42
N SER A 156 0.67 7.51 20.12
CA SER A 156 2.02 7.61 19.50
C SER A 156 2.75 8.95 19.62
N PHE A 157 2.10 9.96 20.22
CA PHE A 157 2.58 11.36 20.18
C PHE A 157 2.49 11.97 21.59
N LYS A 158 3.58 11.80 22.36
CA LYS A 158 3.62 12.06 23.81
C LYS A 158 3.26 13.51 24.23
N MET A 159 3.90 14.48 23.56
CA MET A 159 3.72 15.93 23.86
C MET A 159 2.31 16.45 23.61
N TRP A 160 1.72 16.12 22.46
CA TRP A 160 0.31 16.45 22.17
C TRP A 160 -0.64 15.73 23.13
N SER A 161 -0.28 14.50 23.53
CA SER A 161 -1.05 13.74 24.52
C SER A 161 -0.99 14.36 25.92
N LYS A 162 0.20 14.80 26.33
CA LYS A 162 0.37 15.56 27.58
C LYS A 162 -0.34 16.92 27.52
N LEU A 163 -0.21 17.60 26.38
CA LEU A 163 -0.95 18.85 26.09
C LEU A 163 -2.48 18.68 26.16
N ASN A 164 -2.94 17.53 25.69
CA ASN A 164 -4.36 17.17 25.71
C ASN A 164 -4.91 17.02 27.15
N ASN A 165 -4.08 16.45 28.03
CA ASN A 165 -4.41 16.14 29.44
C ASN A 165 -3.60 17.00 30.39
N GLY A 183 -10.84 5.01 27.79
CA GLY A 183 -10.34 4.07 28.77
C GLY A 183 -10.73 2.60 28.58
N THR A 184 -10.83 2.17 27.32
CA THR A 184 -11.19 0.78 26.99
C THR A 184 -9.95 -0.13 27.05
N LEU A 185 -10.01 -1.07 27.99
CA LEU A 185 -9.04 -2.16 28.12
C LEU A 185 -9.48 -3.45 27.42
N TYR A 186 -10.59 -3.41 26.69
CA TYR A 186 -11.12 -4.60 26.00
C TYR A 186 -10.26 -5.06 24.82
N TYR A 187 -9.50 -4.14 24.23
CA TYR A 187 -8.66 -4.39 23.05
C TYR A 187 -7.17 -4.44 23.42
N MET A 188 -6.87 -4.34 24.72
CA MET A 188 -5.52 -4.30 25.24
C MET A 188 -5.08 -5.72 25.52
N ALA A 189 -3.88 -6.05 25.03
CA ALA A 189 -3.32 -7.38 25.19
C ALA A 189 -2.99 -7.65 26.66
N PRO A 190 -3.10 -8.92 27.11
CA PRO A 190 -2.88 -9.27 28.53
C PRO A 190 -1.53 -8.85 29.09
N GLU A 191 -0.47 -8.96 28.29
CA GLU A 191 0.87 -8.48 28.70
C GLU A 191 0.94 -7.01 29.14
N HIS A 192 0.01 -6.17 28.67
CA HIS A 192 -0.13 -4.77 29.11
C HIS A 192 -1.09 -4.53 30.28
N LEU A 193 -2.05 -5.43 30.48
CA LEU A 193 -2.92 -5.44 31.66
C LEU A 193 -2.10 -5.74 32.92
N ASN A 194 -2.18 -4.85 33.91
CA ASN A 194 -1.33 -4.89 35.12
C ASN A 194 0.22 -4.87 34.91
N ASP A 195 0.69 -4.41 33.74
CA ASP A 195 2.13 -4.15 33.50
C ASP A 195 2.23 -2.92 32.58
N VAL A 196 2.07 -1.75 33.19
CA VAL A 196 2.25 -0.47 32.52
C VAL A 196 3.69 -0.19 32.06
N ASN A 197 4.68 -0.79 32.71
CA ASN A 197 6.10 -0.69 32.30
C ASN A 197 6.45 -1.46 31.03
N ALA A 198 5.68 -2.50 30.68
CA ALA A 198 5.88 -3.31 29.46
C ALA A 198 5.85 -2.50 28.16
N LYS A 199 6.95 -2.60 27.38
CA LYS A 199 7.08 -1.89 26.11
C LYS A 199 6.19 -2.58 25.04
N PRO A 200 5.26 -1.83 24.39
CA PRO A 200 4.45 -2.40 23.30
C PRO A 200 5.23 -2.92 22.10
N THR A 201 4.68 -3.93 21.43
CA THR A 201 5.29 -4.55 20.22
C THR A 201 4.26 -4.54 19.13
N GLU A 202 4.65 -4.97 17.94
CA GLU A 202 3.70 -5.23 16.82
C GLU A 202 2.57 -6.19 17.23
N LYS A 203 2.91 -7.19 18.03
CA LYS A 203 1.97 -8.22 18.48
C LYS A 203 0.90 -7.66 19.46
N SER A 204 1.22 -6.60 20.18
CA SER A 204 0.23 -5.83 20.96
C SER A 204 -0.94 -5.36 20.11
N ASP A 205 -0.63 -4.77 18.96
CA ASP A 205 -1.66 -4.34 17.98
C ASP A 205 -2.43 -5.48 17.32
N VAL A 206 -1.76 -6.61 17.16
CA VAL A 206 -2.42 -7.80 16.60
C VAL A 206 -3.50 -8.34 17.54
N TYR A 207 -3.22 -8.35 18.85
CA TYR A 207 -4.23 -8.68 19.85
C TYR A 207 -5.46 -7.80 19.69
N SER A 208 -5.23 -6.49 19.61
CA SER A 208 -6.30 -5.52 19.43
C SER A 208 -7.14 -5.79 18.18
N PHE A 209 -6.45 -6.05 17.07
CA PHE A 209 -7.10 -6.48 15.81
C PHE A 209 -8.02 -7.70 15.98
N ALA A 210 -7.60 -8.68 16.78
CA ALA A 210 -8.45 -9.86 17.12
C ALA A 210 -9.79 -9.47 17.73
N VAL A 211 -9.77 -8.52 18.65
CA VAL A 211 -11.01 -8.10 19.33
C VAL A 211 -11.82 -7.19 18.39
N VAL A 212 -11.14 -6.42 17.55
CA VAL A 212 -11.81 -5.66 16.47
C VAL A 212 -12.52 -6.62 15.50
N LEU A 213 -11.85 -7.71 15.14
CA LEU A 213 -12.46 -8.79 14.33
C LEU A 213 -13.72 -9.33 14.97
N TRP A 214 -13.65 -9.57 16.28
CA TRP A 214 -14.83 -9.98 17.06
C TRP A 214 -15.95 -8.94 17.01
N ALA A 215 -15.59 -7.68 17.29
CA ALA A 215 -16.53 -6.54 17.29
C ALA A 215 -17.28 -6.38 15.98
N ILE A 216 -16.55 -6.49 14.86
CA ILE A 216 -17.11 -6.41 13.49
C ILE A 216 -18.27 -7.38 13.25
N PHE A 217 -18.12 -8.62 13.73
CA PHE A 217 -19.16 -9.65 13.57
C PHE A 217 -20.18 -9.71 14.71
N ALA A 218 -19.76 -9.42 15.93
CA ALA A 218 -20.68 -9.26 17.06
C ALA A 218 -21.60 -8.02 16.99
N ASN A 219 -21.16 -6.97 16.28
CA ASN A 219 -21.86 -5.67 16.16
C ASN A 219 -22.04 -4.95 17.51
N LYS A 220 -21.07 -5.11 18.41
CA LYS A 220 -21.15 -4.55 19.77
C LYS A 220 -19.80 -4.63 20.47
N GLU A 221 -19.68 -3.91 21.58
CA GLU A 221 -18.46 -3.94 22.41
C GLU A 221 -18.44 -5.27 23.18
N PRO A 222 -17.26 -5.87 23.39
CA PRO A 222 -17.21 -7.17 24.08
C PRO A 222 -17.40 -7.11 25.60
N TYR A 223 -17.57 -8.30 26.17
CA TYR A 223 -17.73 -8.52 27.63
C TYR A 223 -18.98 -7.86 28.25
N GLU A 224 -20.07 -7.80 27.47
CA GLU A 224 -21.36 -7.23 27.90
C GLU A 224 -21.29 -5.77 28.43
N ASN A 225 -20.33 -4.97 27.92
CA ASN A 225 -19.97 -3.64 28.44
C ASN A 225 -19.65 -3.54 29.97
N ALA A 226 -19.08 -4.64 30.50
CA ALA A 226 -18.76 -4.74 31.93
C ALA A 226 -17.59 -3.82 32.30
N ILE A 227 -17.70 -3.11 33.44
CA ILE A 227 -16.65 -2.18 33.92
C ILE A 227 -15.33 -2.92 34.11
N ALA A 228 -14.23 -2.29 33.68
CA ALA A 228 -12.92 -2.96 33.56
C ALA A 228 -12.25 -3.19 34.94
N GLU A 229 -12.90 -4.05 35.72
CA GLU A 229 -12.55 -4.29 37.11
C GLU A 229 -11.46 -5.35 37.14
N GLN A 230 -10.90 -5.54 38.34
CA GLN A 230 -9.85 -6.53 38.56
C GLN A 230 -10.26 -7.97 38.27
N GLN A 231 -11.53 -8.32 38.53
CA GLN A 231 -12.07 -9.65 38.14
C GLN A 231 -11.96 -9.87 36.63
N LEU A 232 -12.38 -8.88 35.85
CA LEU A 232 -12.32 -8.97 34.38
C LEU A 232 -10.87 -8.97 33.90
N ILE A 233 -10.08 -8.01 34.39
CA ILE A 233 -8.66 -7.85 34.03
C ILE A 233 -7.91 -9.17 34.27
N MET A 234 -8.04 -9.71 35.48
CA MET A 234 -7.38 -10.98 35.84
C MET A 234 -7.94 -12.22 35.13
N ALA A 235 -9.22 -12.19 34.74
CA ALA A 235 -9.79 -13.24 33.89
C ALA A 235 -9.15 -13.26 32.49
N ILE A 236 -9.00 -12.07 31.89
CA ILE A 236 -8.36 -11.93 30.58
C ILE A 236 -6.89 -12.37 30.60
N LYS A 237 -6.15 -11.95 31.63
CA LYS A 237 -4.76 -12.42 31.88
C LYS A 237 -4.66 -13.94 31.98
N SER A 238 -5.62 -14.57 32.66
CA SER A 238 -5.70 -16.03 32.80
C SER A 238 -6.08 -16.81 31.51
N GLY A 239 -6.57 -16.13 30.47
CA GLY A 239 -7.04 -16.76 29.22
C GLY A 239 -8.39 -16.34 28.67
N ASN A 240 -9.18 -15.58 29.43
CA ASN A 240 -10.58 -15.25 29.07
C ASN A 240 -10.63 -14.26 27.89
N ARG A 241 -11.60 -14.45 27.00
CA ARG A 241 -11.69 -13.73 25.71
C ARG A 241 -13.15 -13.38 25.43
N PRO A 242 -13.42 -12.56 24.38
CA PRO A 242 -14.82 -12.28 24.03
C PRO A 242 -15.55 -13.53 23.56
N ASP A 243 -16.85 -13.61 23.90
CA ASP A 243 -17.65 -14.81 23.69
C ASP A 243 -17.94 -14.96 22.20
N VAL A 244 -17.45 -16.04 21.59
CA VAL A 244 -17.63 -16.29 20.15
C VAL A 244 -19.09 -16.67 19.84
N ASP A 245 -19.77 -17.36 20.77
CA ASP A 245 -21.22 -17.67 20.65
C ASP A 245 -22.15 -16.44 20.70
N ASP A 246 -21.68 -15.30 21.23
CA ASP A 246 -22.43 -14.00 21.12
C ASP A 246 -22.54 -13.45 19.69
N ILE A 247 -21.66 -13.89 18.78
CA ILE A 247 -21.83 -13.63 17.34
C ILE A 247 -22.99 -14.51 16.84
N THR A 248 -24.14 -13.88 16.60
CA THR A 248 -25.35 -14.54 16.12
C THR A 248 -25.41 -14.64 14.58
N GLU A 249 -24.99 -13.57 13.89
CA GLU A 249 -24.87 -13.57 12.42
C GLU A 249 -23.77 -14.50 11.89
N TYR A 250 -23.80 -14.75 10.58
CA TYR A 250 -22.84 -15.62 9.91
C TYR A 250 -21.45 -14.98 9.87
N CYS A 251 -20.56 -15.55 10.67
CA CYS A 251 -19.13 -15.33 10.55
C CYS A 251 -18.51 -16.61 9.98
N PRO A 252 -17.67 -16.50 8.93
CA PRO A 252 -16.93 -17.68 8.42
C PRO A 252 -15.98 -18.33 9.43
N ARG A 253 -15.69 -19.60 9.21
CA ARG A 253 -14.76 -20.40 10.03
C ARG A 253 -13.34 -19.83 10.04
N GLU A 254 -12.88 -19.39 8.86
CA GLU A 254 -11.55 -18.78 8.69
C GLU A 254 -11.32 -17.56 9.58
N ILE A 255 -12.31 -16.67 9.64
CA ILE A 255 -12.24 -15.46 10.47
C ILE A 255 -12.24 -15.79 11.99
N ILE A 256 -13.04 -16.78 12.41
CA ILE A 256 -13.06 -17.23 13.81
C ILE A 256 -11.70 -17.83 14.22
N SER A 257 -11.08 -18.60 13.32
CA SER A 257 -9.70 -19.10 13.52
C SER A 257 -8.65 -17.97 13.63
N LEU A 258 -8.81 -16.96 12.78
CA LEU A 258 -7.91 -15.83 12.73
C LEU A 258 -7.94 -15.01 14.03
N MET A 259 -9.13 -14.69 14.54
CA MET A 259 -9.25 -13.96 15.80
C MET A 259 -8.71 -14.78 16.98
N LYS A 260 -9.05 -16.07 17.00
CA LYS A 260 -8.51 -17.00 18.01
C LYS A 260 -6.97 -17.07 17.98
N LEU A 261 -6.40 -17.07 16.78
CA LEU A 261 -4.93 -17.01 16.59
C LEU A 261 -4.34 -15.69 17.06
N CYS A 262 -4.96 -14.59 16.62
CA CYS A 262 -4.48 -13.23 16.95
C CYS A 262 -4.67 -12.81 18.40
N TRP A 263 -5.58 -13.44 19.15
CA TRP A 263 -5.67 -13.20 20.61
C TRP A 263 -5.01 -14.23 21.51
N GLU A 264 -4.06 -15.01 21.00
CA GLU A 264 -3.22 -15.92 21.81
C GLU A 264 -2.56 -15.17 22.97
N ALA A 265 -2.51 -15.80 24.14
CA ALA A 265 -1.87 -15.23 25.33
C ALA A 265 -0.41 -14.88 25.05
N ASN A 266 0.31 -15.83 24.46
CA ASN A 266 1.72 -15.67 24.11
C ASN A 266 1.83 -14.78 22.86
N PRO A 267 2.53 -13.62 22.94
CA PRO A 267 2.73 -12.78 21.75
C PRO A 267 3.45 -13.44 20.56
N GLU A 268 4.42 -14.32 20.85
CA GLU A 268 5.13 -15.11 19.82
C GLU A 268 4.22 -16.02 18.98
N ALA A 269 3.13 -16.53 19.58
CA ALA A 269 2.12 -17.29 18.85
C ALA A 269 1.32 -16.49 17.82
N ARG A 270 1.14 -15.18 18.06
CA ARG A 270 0.33 -14.33 17.18
C ARG A 270 1.08 -14.00 15.90
N PRO A 271 0.36 -13.89 14.75
CA PRO A 271 1.03 -13.56 13.49
C PRO A 271 1.33 -12.07 13.36
N THR A 272 2.04 -11.74 12.30
CA THR A 272 2.28 -10.36 11.88
C THR A 272 1.20 -9.99 10.88
N PHE A 273 0.93 -8.69 10.75
CA PHE A 273 -0.06 -8.21 9.76
C PHE A 273 0.27 -8.60 8.29
N PRO A 274 1.55 -8.50 7.86
CA PRO A 274 1.97 -9.13 6.59
C PRO A 274 1.63 -10.62 6.51
N GLY A 275 1.86 -11.36 7.60
CA GLY A 275 1.42 -12.73 7.76
C GLY A 275 -0.08 -12.92 7.60
N ILE A 276 -0.85 -12.04 8.24
CA ILE A 276 -2.32 -12.03 8.12
C ILE A 276 -2.76 -11.72 6.67
N GLU A 277 -2.19 -10.67 6.08
CA GLU A 277 -2.53 -10.19 4.72
C GLU A 277 -2.35 -11.25 3.62
N GLU A 278 -1.24 -12.01 3.70
CA GLU A 278 -0.92 -13.09 2.75
C GLU A 278 -2.00 -14.17 2.66
N LYS A 279 -2.59 -14.51 3.81
CA LYS A 279 -3.67 -15.49 3.89
C LYS A 279 -5.04 -14.86 3.70
N PHE A 280 -5.29 -13.72 4.34
CA PHE A 280 -6.61 -13.06 4.29
C PHE A 280 -7.01 -12.48 2.92
N ARG A 281 -6.05 -11.91 2.17
CA ARG A 281 -6.38 -11.32 0.86
C ARG A 281 -6.98 -12.33 -0.15
N PRO A 282 -6.33 -13.50 -0.35
CA PRO A 282 -6.96 -14.51 -1.24
C PRO A 282 -8.30 -15.07 -0.71
N PHE A 283 -8.44 -15.16 0.61
CA PHE A 283 -9.71 -15.52 1.24
C PHE A 283 -10.82 -14.51 0.96
N TYR A 284 -10.50 -13.22 1.14
CA TYR A 284 -11.41 -12.13 0.78
C TYR A 284 -11.88 -12.20 -0.69
N LEU A 285 -10.94 -12.46 -1.60
CA LEU A 285 -11.21 -12.47 -3.04
C LEU A 285 -12.06 -13.65 -3.47
N SER A 286 -11.71 -14.86 -3.01
CA SER A 286 -12.46 -16.07 -3.32
C SER A 286 -13.84 -16.12 -2.66
N GLN A 287 -13.91 -15.82 -1.36
CA GLN A 287 -15.10 -16.07 -0.52
C GLN A 287 -15.95 -14.84 -0.23
N LEU A 288 -15.33 -13.75 0.20
CA LEU A 288 -16.07 -12.62 0.79
C LEU A 288 -16.68 -11.62 -0.20
N GLU A 289 -15.95 -11.22 -1.25
CA GLU A 289 -16.53 -10.32 -2.30
C GLU A 289 -17.25 -11.12 -3.38
N SER B 1 11.59 -16.44 8.27
CA SER B 1 10.29 -15.83 7.77
C SER B 1 10.56 -14.86 6.62
N LEU B 2 11.15 -13.71 6.97
CA LEU B 2 11.58 -12.66 6.00
C LEU B 2 12.89 -12.95 5.19
N ASN B 3 13.56 -14.08 5.45
CA ASN B 3 14.78 -14.49 4.73
C ASN B 3 14.45 -15.01 3.34
N VAL B 4 15.46 -15.07 2.47
CA VAL B 4 15.27 -15.59 1.10
C VAL B 4 15.19 -17.11 1.21
N ILE B 5 14.15 -17.66 0.58
CA ILE B 5 14.01 -19.10 0.44
C ILE B 5 14.96 -19.56 -0.69
N LYS B 6 16.05 -20.21 -0.30
CA LYS B 6 17.00 -20.82 -1.24
C LYS B 6 16.34 -22.10 -1.73
N MET B 7 16.06 -22.16 -3.04
CA MET B 7 15.45 -23.33 -3.68
C MET B 7 16.47 -24.16 -4.46
N LYS B 8 16.08 -25.39 -4.76
CA LYS B 8 16.89 -26.35 -5.52
C LYS B 8 16.11 -26.72 -6.78
N SER B 9 16.81 -26.99 -7.87
CA SER B 9 16.20 -27.56 -9.10
C SER B 9 15.43 -28.86 -8.85
N SER B 10 15.95 -29.69 -7.95
CA SER B 10 15.28 -30.93 -7.48
C SER B 10 13.91 -30.73 -6.77
N ASP B 11 13.62 -29.52 -6.28
CA ASP B 11 12.26 -29.17 -5.80
C ASP B 11 11.16 -29.12 -6.89
N PHE B 12 11.56 -29.06 -8.17
CA PHE B 12 10.62 -28.86 -9.29
C PHE B 12 10.37 -30.13 -10.11
N LEU B 13 9.10 -30.37 -10.40
CA LEU B 13 8.62 -31.60 -11.04
C LEU B 13 8.81 -31.54 -12.56
N GLU B 14 8.59 -30.35 -13.15
CA GLU B 14 8.67 -30.07 -14.60
C GLU B 14 7.80 -30.99 -15.48
N LYS B 25 15.78 -17.68 -20.27
CA LYS B 25 14.72 -18.70 -20.30
C LYS B 25 13.69 -18.53 -19.17
N VAL B 26 12.57 -17.84 -19.49
CA VAL B 26 11.37 -17.74 -18.61
C VAL B 26 10.48 -18.95 -18.88
N SER B 27 10.11 -19.68 -17.82
CA SER B 27 9.38 -20.95 -17.94
C SER B 27 8.44 -21.20 -16.77
N LEU B 28 7.38 -21.96 -17.02
CA LEU B 28 6.44 -22.37 -16.00
C LEU B 28 7.02 -23.58 -15.26
N ALA B 29 6.88 -23.60 -13.93
CA ALA B 29 7.52 -24.61 -13.09
C ALA B 29 6.67 -24.93 -11.87
N PHE B 30 6.52 -26.22 -11.57
CA PHE B 30 5.71 -26.68 -10.43
C PHE B 30 6.58 -27.17 -9.26
N HIS B 31 6.49 -26.46 -8.14
CA HIS B 31 7.16 -26.83 -6.89
C HIS B 31 6.40 -27.96 -6.20
N ARG B 32 7.14 -28.92 -5.62
CA ARG B 32 6.59 -30.20 -5.14
C ARG B 32 5.52 -30.07 -4.05
N THR B 33 5.76 -29.21 -3.06
CA THR B 33 4.77 -28.86 -2.03
C THR B 33 3.98 -27.57 -2.40
N GLN B 34 4.73 -26.48 -2.51
CA GLN B 34 4.22 -25.10 -2.64
C GLN B 34 3.38 -24.70 -3.86
N GLY B 35 3.46 -25.42 -4.98
CA GLY B 35 2.56 -25.15 -6.13
C GLY B 35 3.16 -24.61 -7.43
N LEU B 36 2.30 -24.08 -8.31
CA LEU B 36 2.71 -23.56 -9.63
C LEU B 36 3.40 -22.20 -9.49
N MET B 37 4.52 -22.04 -10.18
CA MET B 37 5.40 -20.83 -10.09
C MET B 37 5.97 -20.51 -11.47
N ILE B 38 6.68 -19.40 -11.58
CA ILE B 38 7.37 -19.01 -12.81
C ILE B 38 8.85 -18.94 -12.51
N MET B 39 9.68 -19.59 -13.34
CA MET B 39 11.12 -19.63 -13.18
C MET B 39 11.79 -18.88 -14.31
N LYS B 40 12.39 -17.74 -13.99
CA LYS B 40 13.29 -17.03 -14.91
C LYS B 40 14.70 -17.55 -14.62
N THR B 41 15.21 -18.36 -15.55
CA THR B 41 16.58 -18.88 -15.48
C THR B 41 17.48 -17.88 -16.19
N VAL B 42 18.33 -17.23 -15.40
CA VAL B 42 19.13 -16.10 -15.85
C VAL B 42 20.39 -16.59 -16.55
N TYR B 43 21.11 -17.51 -15.91
CA TYR B 43 22.37 -18.07 -16.40
C TYR B 43 22.36 -19.59 -16.33
N LYS B 44 22.82 -20.21 -17.43
CA LYS B 44 23.12 -21.64 -17.52
C LYS B 44 24.46 -21.78 -18.27
N GLY B 45 25.42 -22.49 -17.67
CA GLY B 45 26.80 -22.59 -18.21
C GLY B 45 27.85 -23.03 -17.18
N PRO B 46 29.15 -22.68 -17.41
CA PRO B 46 30.20 -22.96 -16.41
C PRO B 46 30.02 -22.16 -15.12
N ASN B 47 30.20 -22.80 -13.97
CA ASN B 47 29.99 -22.13 -12.67
C ASN B 47 31.14 -21.19 -12.31
N CYS B 48 30.81 -20.07 -11.64
CA CYS B 48 31.79 -19.13 -11.05
C CYS B 48 31.29 -18.65 -9.67
N ILE B 49 31.86 -19.22 -8.61
CA ILE B 49 31.44 -19.00 -7.22
C ILE B 49 31.85 -17.65 -6.60
N GLU B 50 32.78 -16.96 -7.26
CA GLU B 50 33.23 -15.58 -6.92
C GLU B 50 32.12 -14.54 -6.74
N HIS B 51 31.07 -14.56 -7.58
CA HIS B 51 29.93 -13.60 -7.48
C HIS B 51 28.65 -14.12 -6.78
N ASN B 52 28.67 -15.37 -6.30
CA ASN B 52 27.52 -15.97 -5.59
C ASN B 52 27.07 -15.24 -4.33
N GLU B 53 28.03 -14.69 -3.59
CA GLU B 53 27.75 -13.93 -2.38
C GLU B 53 27.00 -12.63 -2.75
N ALA B 54 27.48 -11.94 -3.79
CA ALA B 54 26.84 -10.71 -4.30
C ALA B 54 25.47 -10.97 -4.96
N LEU B 55 25.38 -12.07 -5.71
CA LEU B 55 24.10 -12.51 -6.31
C LEU B 55 23.03 -12.84 -5.25
N LEU B 56 23.44 -13.56 -4.21
CA LEU B 56 22.55 -13.90 -3.09
C LEU B 56 22.10 -12.66 -2.36
N GLU B 57 23.02 -11.73 -2.12
CA GLU B 57 22.69 -10.47 -1.48
C GLU B 57 21.68 -9.63 -2.30
N GLU B 58 21.83 -9.63 -3.63
CA GLU B 58 20.80 -9.03 -4.51
C GLU B 58 19.45 -9.72 -4.45
N ALA B 59 19.46 -11.06 -4.36
CA ALA B 59 18.22 -11.83 -4.11
C ALA B 59 17.58 -11.53 -2.76
N LYS B 60 18.41 -11.25 -1.74
CA LYS B 60 17.94 -10.73 -0.45
C LYS B 60 17.25 -9.38 -0.56
N MET B 61 17.79 -8.48 -1.39
CA MET B 61 17.18 -7.16 -1.66
C MET B 61 15.85 -7.30 -2.39
N MET B 62 15.80 -8.18 -3.40
CA MET B 62 14.56 -8.55 -4.10
C MET B 62 13.45 -9.06 -3.16
N ASN B 63 13.84 -9.90 -2.21
CA ASN B 63 12.92 -10.48 -1.25
C ASN B 63 12.30 -9.46 -0.27
N ARG B 64 13.04 -8.39 0.05
CA ARG B 64 12.56 -7.30 0.92
C ARG B 64 11.42 -6.47 0.34
N LEU B 65 11.31 -6.41 -0.98
CA LEU B 65 10.29 -5.63 -1.69
C LEU B 65 8.96 -6.38 -1.81
N ARG B 66 8.14 -6.29 -0.77
CA ARG B 66 6.87 -7.01 -0.63
C ARG B 66 5.70 -6.03 -0.67
N HIS B 67 4.80 -6.21 -1.61
CA HIS B 67 3.65 -5.33 -1.82
C HIS B 67 2.68 -6.05 -2.75
N SER B 68 1.38 -5.92 -2.48
CA SER B 68 0.33 -6.62 -3.27
C SER B 68 0.33 -6.36 -4.79
N ARG B 69 0.83 -5.19 -5.19
CA ARG B 69 1.04 -4.79 -6.59
C ARG B 69 2.49 -4.82 -7.08
N VAL B 70 3.33 -5.62 -6.42
CA VAL B 70 4.73 -5.85 -6.86
C VAL B 70 4.93 -7.36 -6.89
N VAL B 71 5.59 -7.84 -7.93
CA VAL B 71 5.86 -9.26 -8.12
C VAL B 71 6.77 -9.74 -6.99
N LYS B 72 6.34 -10.79 -6.28
CA LYS B 72 7.13 -11.36 -5.18
C LYS B 72 8.14 -12.36 -5.75
N LEU B 73 9.37 -12.30 -5.25
CA LEU B 73 10.37 -13.34 -5.45
C LEU B 73 10.05 -14.43 -4.43
N LEU B 74 9.61 -15.58 -4.92
CA LEU B 74 9.34 -16.75 -4.06
C LEU B 74 10.61 -17.47 -3.64
N GLY B 75 11.65 -17.40 -4.46
CA GLY B 75 12.94 -17.95 -4.10
C GLY B 75 13.95 -17.79 -5.20
N VAL B 76 15.12 -18.39 -5.00
CA VAL B 76 16.26 -18.30 -5.91
C VAL B 76 16.97 -19.67 -5.96
N ILE B 77 17.39 -20.10 -7.16
CA ILE B 77 18.22 -21.30 -7.36
C ILE B 77 19.61 -20.79 -7.69
N ILE B 78 20.56 -21.08 -6.79
CA ILE B 78 21.98 -20.78 -6.99
C ILE B 78 22.65 -22.14 -6.91
N GLU B 79 23.00 -22.68 -8.07
CA GLU B 79 23.64 -23.99 -8.20
C GLU B 79 24.89 -23.90 -9.05
N GLU B 80 25.62 -25.01 -9.11
CA GLU B 80 26.80 -25.16 -9.97
C GLU B 80 26.34 -25.03 -11.44
N GLY B 81 26.45 -23.81 -11.96
CA GLY B 81 26.19 -23.51 -13.35
C GLY B 81 24.82 -22.95 -13.71
N LYS B 82 23.80 -23.18 -12.86
CA LYS B 82 22.42 -22.74 -13.08
C LYS B 82 22.08 -21.65 -12.07
N TYR B 83 21.53 -20.54 -12.57
CA TYR B 83 21.07 -19.42 -11.74
C TYR B 83 19.69 -18.99 -12.19
N SER B 84 18.73 -19.01 -11.26
CA SER B 84 17.32 -18.78 -11.57
C SER B 84 16.65 -18.00 -10.47
N LEU B 85 15.70 -17.17 -10.88
CA LEU B 85 14.81 -16.46 -10.00
C LEU B 85 13.46 -17.13 -10.16
N VAL B 86 12.75 -17.27 -9.04
CA VAL B 86 11.48 -17.95 -9.01
C VAL B 86 10.48 -16.95 -8.45
N MET B 87 9.44 -16.70 -9.21
CA MET B 87 8.40 -15.71 -8.88
C MET B 87 7.02 -16.27 -9.15
N GLU B 88 6.01 -15.54 -8.70
CA GLU B 88 4.63 -16.03 -8.75
C GLU B 88 4.03 -15.97 -10.14
N TYR B 89 3.12 -16.92 -10.40
CA TYR B 89 2.41 -17.08 -11.67
C TYR B 89 1.35 -15.99 -11.83
N MET B 90 1.30 -15.38 -13.03
CA MET B 90 0.31 -14.36 -13.39
C MET B 90 -0.36 -14.84 -14.69
N GLU B 91 -1.59 -15.33 -14.57
CA GLU B 91 -2.23 -16.12 -15.63
C GLU B 91 -2.45 -15.40 -16.96
N LYS B 92 -2.90 -14.14 -16.90
CA LYS B 92 -3.24 -13.35 -18.11
C LYS B 92 -2.03 -12.67 -18.80
N GLY B 93 -0.83 -12.81 -18.23
CA GLY B 93 0.39 -12.34 -18.88
C GLY B 93 0.56 -10.85 -18.64
N ASN B 94 1.28 -10.20 -19.53
CA ASN B 94 1.56 -8.76 -19.40
C ASN B 94 0.36 -7.91 -19.80
N LEU B 95 0.42 -6.63 -19.44
CA LEU B 95 -0.69 -5.69 -19.65
C LEU B 95 -1.08 -5.51 -21.13
N MET B 96 -0.09 -5.43 -22.01
CA MET B 96 -0.35 -5.28 -23.46
C MET B 96 -1.05 -6.48 -24.08
N HIS B 97 -0.66 -7.69 -23.67
CA HIS B 97 -1.37 -8.92 -24.04
C HIS B 97 -2.85 -8.87 -23.66
N VAL B 98 -3.15 -8.35 -22.48
CA VAL B 98 -4.53 -8.18 -21.99
C VAL B 98 -5.30 -7.12 -22.80
N LEU B 99 -4.66 -5.98 -23.07
CA LEU B 99 -5.27 -4.91 -23.87
C LEU B 99 -5.52 -5.27 -25.34
N LYS B 100 -4.58 -5.99 -25.96
CA LYS B 100 -4.73 -6.51 -27.34
C LYS B 100 -5.67 -7.74 -27.48
N ALA B 101 -6.09 -8.37 -26.37
CA ALA B 101 -7.02 -9.53 -26.41
C ALA B 101 -8.41 -9.18 -26.97
N GLU B 102 -9.06 -10.18 -27.56
CA GLU B 102 -10.38 -10.04 -28.22
C GLU B 102 -11.50 -9.58 -27.27
N MET B 103 -11.46 -10.04 -26.01
CA MET B 103 -12.33 -9.53 -24.93
C MET B 103 -11.86 -8.13 -24.51
N SER B 104 -12.73 -7.13 -24.69
CA SER B 104 -12.44 -5.73 -24.34
C SER B 104 -12.58 -5.55 -22.82
N THR B 105 -11.52 -5.03 -22.20
CA THR B 105 -11.46 -4.84 -20.74
C THR B 105 -12.23 -3.56 -20.39
N PRO B 106 -13.23 -3.62 -19.46
CA PRO B 106 -14.05 -2.42 -19.18
C PRO B 106 -13.31 -1.28 -18.48
N LEU B 107 -13.85 -0.07 -18.61
CA LEU B 107 -13.28 1.17 -18.03
C LEU B 107 -13.02 1.08 -16.51
N SER B 108 -13.95 0.44 -15.79
CA SER B 108 -13.85 0.22 -14.34
C SER B 108 -12.62 -0.59 -13.95
N VAL B 109 -12.35 -1.66 -14.72
CA VAL B 109 -11.13 -2.46 -14.53
C VAL B 109 -9.88 -1.67 -14.92
N LYS B 110 -9.92 -0.95 -16.04
CA LYS B 110 -8.80 -0.09 -16.47
C LYS B 110 -8.44 0.98 -15.45
N GLY B 111 -9.46 1.59 -14.83
CA GLY B 111 -9.28 2.50 -13.69
C GLY B 111 -8.56 1.86 -12.52
N ARG B 112 -8.98 0.66 -12.16
CA ARG B 112 -8.36 -0.10 -11.07
C ARG B 112 -6.92 -0.48 -11.37
N ILE B 113 -6.65 -0.89 -12.61
CA ILE B 113 -5.29 -1.21 -13.09
C ILE B 113 -4.36 -0.02 -12.90
N ILE B 114 -4.79 1.14 -13.37
CA ILE B 114 -4.02 2.39 -13.27
C ILE B 114 -3.73 2.71 -11.80
N LEU B 115 -4.77 2.64 -10.97
CA LEU B 115 -4.62 2.86 -9.53
C LEU B 115 -3.65 1.88 -8.91
N GLU B 116 -3.76 0.60 -9.27
CA GLU B 116 -2.84 -0.42 -8.79
C GLU B 116 -1.39 -0.19 -9.24
N ILE B 117 -1.19 0.24 -10.48
CA ILE B 117 0.16 0.64 -10.98
C ILE B 117 0.74 1.79 -10.16
N ILE B 118 -0.09 2.80 -9.85
CA ILE B 118 0.32 3.95 -9.02
C ILE B 118 0.73 3.48 -7.62
N GLU B 119 -0.13 2.69 -6.97
CA GLU B 119 0.14 2.07 -5.65
C GLU B 119 1.50 1.35 -5.64
N GLY B 120 1.69 0.48 -6.63
CA GLY B 120 2.91 -0.32 -6.77
C GLY B 120 4.17 0.53 -6.98
N MET B 121 4.08 1.49 -7.91
CA MET B 121 5.18 2.43 -8.15
C MET B 121 5.46 3.35 -6.96
N ALA B 122 4.41 3.76 -6.25
CA ALA B 122 4.55 4.55 -5.03
C ALA B 122 5.29 3.77 -3.94
N TYR B 123 4.99 2.48 -3.80
CA TYR B 123 5.71 1.60 -2.87
C TYR B 123 7.22 1.54 -3.18
N LEU B 124 7.55 1.27 -4.44
CA LEU B 124 8.95 1.11 -4.89
C LEU B 124 9.79 2.36 -4.72
N HIS B 125 9.22 3.51 -5.12
CA HIS B 125 9.86 4.82 -4.91
C HIS B 125 10.08 5.12 -3.42
N GLY B 126 9.08 4.82 -2.60
CA GLY B 126 9.19 4.85 -1.13
C GLY B 126 10.27 3.96 -0.53
N LYS B 127 10.60 2.84 -1.19
CA LYS B 127 11.74 1.97 -0.84
C LYS B 127 13.07 2.33 -1.56
N GLY B 128 13.16 3.51 -2.18
CA GLY B 128 14.36 3.96 -2.88
C GLY B 128 14.70 3.27 -4.18
N VAL B 129 13.70 2.66 -4.81
CA VAL B 129 13.88 1.85 -6.03
C VAL B 129 13.30 2.67 -7.19
N ILE B 130 14.18 3.09 -8.10
CA ILE B 130 13.77 3.59 -9.41
C ILE B 130 13.69 2.36 -10.32
N HIS B 131 12.56 2.21 -11.02
CA HIS B 131 12.36 1.11 -11.96
C HIS B 131 13.30 1.18 -13.17
N LYS B 132 13.36 2.37 -13.79
CA LYS B 132 14.17 2.66 -14.99
C LYS B 132 13.61 2.09 -16.33
N ASP B 133 12.58 1.24 -16.27
CA ASP B 133 12.11 0.42 -17.40
C ASP B 133 10.66 -0.03 -17.21
N LEU B 134 9.81 0.92 -16.85
CA LEU B 134 8.40 0.67 -16.62
C LEU B 134 7.73 0.66 -17.99
N LYS B 135 6.99 -0.41 -18.27
CA LYS B 135 6.28 -0.58 -19.55
C LYS B 135 5.22 -1.67 -19.40
N PRO B 136 4.31 -1.83 -20.37
CA PRO B 136 3.30 -2.90 -20.29
C PRO B 136 3.87 -4.32 -20.12
N GLU B 137 4.99 -4.63 -20.79
CA GLU B 137 5.73 -5.89 -20.58
C GLU B 137 6.13 -6.21 -19.13
N ASN B 138 6.40 -5.15 -18.34
CA ASN B 138 6.71 -5.26 -16.90
C ASN B 138 5.50 -5.05 -15.95
N ILE B 139 4.28 -5.10 -16.48
CA ILE B 139 3.04 -4.98 -15.69
C ILE B 139 2.31 -6.29 -15.95
N LEU B 140 2.44 -7.22 -15.00
CA LEU B 140 1.83 -8.55 -15.12
C LEU B 140 0.42 -8.54 -14.53
N VAL B 141 -0.44 -9.40 -15.06
CA VAL B 141 -1.90 -9.38 -14.78
C VAL B 141 -2.35 -10.80 -14.41
N ASP B 142 -3.01 -10.93 -13.26
CA ASP B 142 -3.56 -12.23 -12.81
C ASP B 142 -4.95 -12.50 -13.40
N ASN B 143 -5.53 -13.65 -13.08
CA ASN B 143 -6.82 -14.08 -13.66
C ASN B 143 -8.00 -13.16 -13.29
N ASP B 144 -7.96 -12.55 -12.10
CA ASP B 144 -8.96 -11.56 -11.64
C ASP B 144 -8.61 -10.10 -12.03
N PHE B 145 -7.78 -9.89 -13.06
CA PHE B 145 -7.40 -8.55 -13.57
C PHE B 145 -6.66 -7.62 -12.61
N HIS B 146 -6.12 -8.15 -11.50
CA HIS B 146 -5.25 -7.38 -10.61
C HIS B 146 -3.84 -7.47 -11.17
N ILE B 147 -3.10 -6.36 -11.03
CA ILE B 147 -1.76 -6.25 -11.59
C ILE B 147 -0.68 -6.30 -10.53
N LYS B 148 0.53 -6.61 -11.01
CA LYS B 148 1.76 -6.60 -10.21
C LYS B 148 2.90 -6.10 -11.10
N ILE B 149 3.71 -5.19 -10.56
CA ILE B 149 4.84 -4.61 -11.28
C ILE B 149 6.02 -5.56 -11.15
N ALA B 150 6.66 -5.82 -12.30
CA ALA B 150 7.80 -6.72 -12.43
C ALA B 150 9.00 -5.95 -12.95
N ASP B 151 10.18 -6.56 -12.83
CA ASP B 151 11.43 -6.06 -13.43
C ASP B 151 12.12 -7.21 -14.17
N LEU B 152 11.54 -7.58 -15.30
CA LEU B 152 11.90 -8.84 -15.99
C LEU B 152 13.28 -8.82 -16.66
N GLY B 153 13.69 -7.65 -17.16
CA GLY B 153 15.03 -7.42 -17.66
C GLY B 153 16.08 -7.02 -16.63
N LEU B 154 15.76 -7.11 -15.32
CA LEU B 154 16.74 -6.96 -14.24
C LEU B 154 17.46 -5.59 -14.21
N ALA B 155 16.70 -4.54 -14.54
CA ALA B 155 17.20 -3.18 -14.63
C ALA B 155 17.67 -2.61 -13.28
N SER B 156 16.98 -3.00 -12.20
CA SER B 156 17.31 -2.58 -10.83
C SER B 156 18.37 -3.44 -10.10
N PHE B 157 18.91 -4.48 -10.76
CA PHE B 157 19.73 -5.51 -10.11
C PHE B 157 20.99 -5.81 -10.92
N LYS B 158 22.07 -5.06 -10.62
CA LYS B 158 23.29 -5.00 -11.45
C LYS B 158 23.98 -6.36 -11.71
N MET B 159 24.21 -7.12 -10.63
CA MET B 159 24.94 -8.40 -10.70
C MET B 159 24.23 -9.50 -11.47
N TRP B 160 22.92 -9.67 -11.21
CA TRP B 160 22.08 -10.58 -12.02
C TRP B 160 21.98 -10.12 -13.49
N SER B 161 21.99 -8.81 -13.70
CA SER B 161 21.98 -8.22 -15.06
C SER B 161 23.32 -8.49 -15.79
N LYS B 162 24.43 -8.33 -15.08
CA LYS B 162 25.76 -8.72 -15.58
C LYS B 162 25.88 -10.23 -15.82
N LEU B 163 25.31 -11.01 -14.89
CA LEU B 163 25.23 -12.47 -15.02
C LEU B 163 24.45 -12.93 -16.25
N ASN B 164 23.37 -12.22 -16.58
CA ASN B 164 22.54 -12.52 -17.76
C ASN B 164 23.29 -12.27 -19.08
N ASN B 165 24.14 -11.25 -19.13
CA ASN B 165 24.88 -10.84 -20.34
C ASN B 165 26.36 -11.28 -20.33
N GLU B 166 26.61 -12.46 -19.74
CA GLU B 166 27.95 -12.97 -19.48
C GLU B 166 28.40 -13.78 -20.70
N GLU B 167 29.68 -13.63 -21.07
CA GLU B 167 30.32 -14.25 -22.26
C GLU B 167 30.10 -15.77 -22.40
N HIS B 168 30.12 -16.49 -21.27
CA HIS B 168 29.93 -17.95 -21.18
C HIS B 168 28.50 -18.47 -21.01
N ASN B 169 27.52 -17.57 -20.88
CA ASN B 169 26.12 -17.97 -20.69
C ASN B 169 25.53 -18.60 -21.95
N GLU B 170 25.20 -19.89 -21.91
CA GLU B 170 24.61 -20.57 -23.08
C GLU B 170 23.10 -20.26 -23.28
N LEU B 171 22.76 -18.96 -23.30
CA LEU B 171 21.37 -18.46 -23.38
C LEU B 171 21.37 -17.10 -24.11
N GLY B 183 15.29 -3.50 -26.57
CA GLY B 183 14.13 -3.02 -25.82
C GLY B 183 13.32 -1.93 -26.52
N THR B 184 12.07 -1.79 -26.09
CA THR B 184 11.14 -0.74 -26.61
C THR B 184 11.43 0.65 -26.00
N LEU B 185 11.66 1.65 -26.88
CA LEU B 185 11.95 3.04 -26.50
C LEU B 185 10.71 3.94 -26.37
N TYR B 186 9.50 3.39 -26.56
CA TYR B 186 8.26 4.16 -26.50
C TYR B 186 7.91 4.75 -25.14
N TYR B 187 8.36 4.10 -24.07
CA TYR B 187 8.04 4.48 -22.67
C TYR B 187 9.20 5.11 -21.96
N MET B 188 10.30 5.34 -22.70
CA MET B 188 11.53 5.92 -22.16
C MET B 188 11.41 7.43 -22.25
N ALA B 189 11.74 8.11 -21.15
CA ALA B 189 11.69 9.56 -21.08
C ALA B 189 12.73 10.18 -22.01
N PRO B 190 12.40 11.36 -22.59
CA PRO B 190 13.27 11.96 -23.61
C PRO B 190 14.70 12.24 -23.15
N GLU B 191 14.86 12.67 -21.90
CA GLU B 191 16.19 12.85 -21.29
C GLU B 191 17.13 11.63 -21.38
N HIS B 192 16.58 10.42 -21.45
CA HIS B 192 17.36 9.17 -21.60
C HIS B 192 17.57 8.72 -23.05
N LEU B 193 16.71 9.16 -23.96
CA LEU B 193 16.92 8.95 -25.40
C LEU B 193 18.18 9.68 -25.91
N ASN B 194 19.07 8.94 -26.58
CA ASN B 194 20.39 9.44 -27.02
C ASN B 194 21.33 9.99 -25.91
N ASP B 195 21.13 9.58 -24.66
CA ASP B 195 21.98 10.05 -23.52
C ASP B 195 22.15 8.94 -22.49
N VAL B 196 23.17 8.12 -22.73
CA VAL B 196 23.56 7.04 -21.81
C VAL B 196 24.06 7.51 -20.43
N ASN B 197 24.62 8.72 -20.37
CA ASN B 197 25.16 9.28 -19.12
C ASN B 197 24.11 9.73 -18.09
N ALA B 198 22.89 10.05 -18.54
CA ALA B 198 21.83 10.59 -17.66
C ALA B 198 21.35 9.57 -16.63
N LYS B 199 21.47 9.92 -15.34
CA LYS B 199 21.08 9.05 -14.23
C LYS B 199 19.55 9.09 -14.09
N PRO B 200 18.85 7.93 -14.17
CA PRO B 200 17.39 7.92 -13.97
C PRO B 200 16.92 8.38 -12.60
N THR B 201 15.74 8.99 -12.56
CA THR B 201 15.12 9.53 -11.35
C THR B 201 13.73 8.96 -11.23
N GLU B 202 13.04 9.29 -10.13
CA GLU B 202 11.60 8.98 -9.98
C GLU B 202 10.77 9.50 -11.17
N LYS B 203 11.11 10.68 -11.68
CA LYS B 203 10.39 11.30 -12.78
C LYS B 203 10.56 10.58 -14.12
N SER B 204 11.66 9.87 -14.31
CA SER B 204 11.83 8.94 -15.44
C SER B 204 10.71 7.90 -15.52
N ASP B 205 10.39 7.28 -14.39
CA ASP B 205 9.28 6.31 -14.30
C ASP B 205 7.90 6.94 -14.46
N VAL B 206 7.76 8.19 -14.03
CA VAL B 206 6.52 8.94 -14.20
C VAL B 206 6.20 9.18 -15.68
N TYR B 207 7.21 9.54 -16.48
CA TYR B 207 7.06 9.62 -17.94
C TYR B 207 6.50 8.32 -18.50
N SER B 208 7.14 7.22 -18.12
CA SER B 208 6.74 5.89 -18.57
C SER B 208 5.27 5.59 -18.22
N PHE B 209 4.88 5.88 -16.97
CA PHE B 209 3.47 5.78 -16.53
C PHE B 209 2.49 6.55 -17.43
N ALA B 210 2.88 7.76 -17.86
CA ALA B 210 2.06 8.55 -18.82
C ALA B 210 1.76 7.80 -20.12
N VAL B 211 2.76 7.13 -20.66
CA VAL B 211 2.63 6.43 -21.94
C VAL B 211 1.87 5.12 -21.72
N VAL B 212 2.05 4.49 -20.57
CA VAL B 212 1.25 3.32 -20.16
C VAL B 212 -0.22 3.71 -20.03
N LEU B 213 -0.48 4.87 -19.42
CA LEU B 213 -1.85 5.44 -19.36
C LEU B 213 -2.47 5.56 -20.73
N TRP B 214 -1.70 6.11 -21.67
CA TRP B 214 -2.12 6.22 -23.06
C TRP B 214 -2.45 4.86 -23.68
N ALA B 215 -1.51 3.92 -23.52
CA ALA B 215 -1.65 2.53 -24.02
C ALA B 215 -2.92 1.82 -23.54
N ILE B 216 -3.21 1.98 -22.26
CA ILE B 216 -4.41 1.40 -21.61
C ILE B 216 -5.71 1.79 -22.33
N PHE B 217 -5.83 3.06 -22.70
CA PHE B 217 -7.03 3.57 -23.40
C PHE B 217 -6.98 3.50 -24.93
N ALA B 218 -5.77 3.59 -25.49
CA ALA B 218 -5.55 3.29 -26.91
C ALA B 218 -5.77 1.82 -27.29
N ASN B 219 -5.52 0.89 -26.35
CA ASN B 219 -5.42 -0.57 -26.63
C ASN B 219 -4.36 -0.97 -27.68
N LYS B 220 -3.26 -0.22 -27.69
CA LYS B 220 -2.18 -0.42 -28.64
C LYS B 220 -0.93 0.31 -28.20
N GLU B 221 0.19 -0.06 -28.83
CA GLU B 221 1.48 0.61 -28.66
C GLU B 221 1.38 1.97 -29.39
N PRO B 222 2.03 3.03 -28.87
CA PRO B 222 2.03 4.31 -29.55
C PRO B 222 2.96 4.39 -30.77
N TYR B 223 2.82 5.51 -31.48
CA TYR B 223 3.71 5.93 -32.57
C TYR B 223 3.67 5.05 -33.83
N GLU B 224 2.53 4.42 -34.09
CA GLU B 224 2.33 3.54 -35.26
C GLU B 224 2.71 4.12 -36.64
N ASN B 225 2.44 5.41 -36.82
CA ASN B 225 2.81 6.14 -38.05
C ASN B 225 4.29 6.47 -38.22
N ALA B 226 5.15 6.21 -37.23
CA ALA B 226 6.60 6.42 -37.33
C ALA B 226 7.22 5.45 -38.34
N ILE B 227 8.06 5.97 -39.23
CA ILE B 227 8.68 5.20 -40.33
C ILE B 227 10.08 4.68 -39.97
N ALA B 228 10.85 5.44 -39.17
CA ALA B 228 12.22 5.08 -38.79
C ALA B 228 12.45 5.35 -37.32
N GLU B 229 13.50 4.73 -36.77
CA GLU B 229 13.83 4.81 -35.35
C GLU B 229 14.44 6.17 -34.95
N GLN B 230 15.42 6.62 -35.73
CA GLN B 230 15.98 7.98 -35.58
C GLN B 230 14.94 9.10 -35.73
N GLN B 231 13.98 8.93 -36.64
CA GLN B 231 12.83 9.86 -36.77
C GLN B 231 12.05 9.95 -35.46
N LEU B 232 11.73 8.79 -34.90
CA LEU B 232 10.95 8.69 -33.68
C LEU B 232 11.69 9.28 -32.48
N ILE B 233 12.92 8.82 -32.28
CA ILE B 233 13.78 9.26 -31.17
C ILE B 233 13.88 10.79 -31.17
N MET B 234 14.27 11.34 -32.32
CA MET B 234 14.39 12.80 -32.47
C MET B 234 13.07 13.58 -32.38
N ALA B 235 11.96 12.95 -32.78
CA ALA B 235 10.63 13.54 -32.59
C ALA B 235 10.24 13.64 -31.11
N ILE B 236 10.48 12.57 -30.35
CA ILE B 236 10.12 12.54 -28.91
C ILE B 236 10.94 13.57 -28.12
N LYS B 237 12.25 13.60 -28.38
CA LYS B 237 13.16 14.62 -27.85
C LYS B 237 12.73 16.04 -28.17
N SER B 238 12.24 16.28 -29.39
CA SER B 238 11.69 17.60 -29.79
C SER B 238 10.35 18.03 -29.14
N GLY B 239 9.66 17.09 -28.49
CA GLY B 239 8.36 17.33 -27.84
C GLY B 239 7.18 16.48 -28.31
N ASN B 240 7.38 15.61 -29.31
CA ASN B 240 6.30 14.80 -29.88
C ASN B 240 5.92 13.67 -28.92
N ARG B 241 4.62 13.35 -28.87
CA ARG B 241 4.01 12.48 -27.86
C ARG B 241 2.96 11.56 -28.48
N PRO B 242 2.41 10.59 -27.71
CA PRO B 242 1.37 9.73 -28.29
C PRO B 242 0.11 10.50 -28.68
N ASP B 243 -0.48 10.10 -29.79
CA ASP B 243 -1.60 10.83 -30.40
C ASP B 243 -2.85 10.59 -29.56
N VAL B 244 -3.39 11.65 -28.99
CA VAL B 244 -4.62 11.56 -28.17
C VAL B 244 -5.85 11.26 -29.06
N ASP B 245 -5.87 11.77 -30.29
CA ASP B 245 -6.93 11.45 -31.28
C ASP B 245 -6.97 9.98 -31.76
N ASP B 246 -5.85 9.24 -31.61
CA ASP B 246 -5.83 7.78 -31.83
C ASP B 246 -6.65 6.94 -30.82
N ILE B 247 -6.98 7.53 -29.66
CA ILE B 247 -7.85 6.88 -28.66
C ILE B 247 -9.28 6.86 -29.21
N THR B 248 -9.72 5.67 -29.63
CA THR B 248 -11.08 5.42 -30.18
C THR B 248 -12.15 5.24 -29.08
N GLU B 249 -11.79 4.57 -27.99
CA GLU B 249 -12.65 4.44 -26.80
C GLU B 249 -12.90 5.78 -26.08
N TYR B 250 -13.94 5.80 -25.26
CA TYR B 250 -14.22 6.96 -24.39
C TYR B 250 -13.21 6.98 -23.24
N CYS B 251 -12.19 7.85 -23.35
CA CYS B 251 -11.28 8.15 -22.24
C CYS B 251 -11.74 9.47 -21.61
N PRO B 252 -11.85 9.53 -20.25
CA PRO B 252 -12.20 10.80 -19.58
C PRO B 252 -11.20 11.95 -19.79
N ARG B 253 -11.70 13.18 -19.63
CA ARG B 253 -10.88 14.40 -19.76
C ARG B 253 -9.75 14.48 -18.71
N GLU B 254 -10.08 14.08 -17.48
CA GLU B 254 -9.13 14.04 -16.35
C GLU B 254 -7.90 13.16 -16.62
N ILE B 255 -8.13 11.98 -17.20
CA ILE B 255 -7.04 11.05 -17.57
C ILE B 255 -6.13 11.61 -18.69
N ILE B 256 -6.75 12.28 -19.67
CA ILE B 256 -5.99 12.96 -20.73
C ILE B 256 -5.10 14.08 -20.15
N SER B 257 -5.61 14.84 -19.18
CA SER B 257 -4.80 15.85 -18.45
C SER B 257 -3.64 15.24 -17.65
N LEU B 258 -3.92 14.10 -17.02
CA LEU B 258 -2.93 13.41 -16.19
C LEU B 258 -1.74 12.90 -17.01
N MET B 259 -2.01 12.24 -18.14
CA MET B 259 -0.94 11.76 -19.02
C MET B 259 -0.16 12.92 -19.62
N LYS B 260 -0.87 13.97 -20.05
CA LYS B 260 -0.24 15.22 -20.54
C LYS B 260 0.69 15.87 -19.50
N LEU B 261 0.26 15.85 -18.23
CA LEU B 261 1.08 16.33 -17.12
C LEU B 261 2.30 15.44 -16.87
N CYS B 262 2.06 14.13 -16.79
CA CYS B 262 3.13 13.16 -16.53
C CYS B 262 4.15 12.95 -17.66
N TRP B 263 3.81 13.30 -18.91
CA TRP B 263 4.81 13.26 -20.01
C TRP B 263 5.47 14.60 -20.40
N GLU B 264 5.43 15.59 -19.49
CA GLU B 264 6.10 16.88 -19.68
C GLU B 264 7.58 16.72 -20.02
N ALA B 265 8.07 17.55 -20.95
CA ALA B 265 9.49 17.55 -21.33
C ALA B 265 10.40 17.77 -20.12
N ASN B 266 10.06 18.79 -19.32
CA ASN B 266 10.80 19.12 -18.11
C ASN B 266 10.40 18.13 -17.00
N PRO B 267 11.36 17.37 -16.43
CA PRO B 267 11.02 16.42 -15.34
C PRO B 267 10.42 17.04 -14.07
N GLU B 268 10.88 18.25 -13.71
CA GLU B 268 10.32 19.00 -12.58
C GLU B 268 8.82 19.34 -12.70
N ALA B 269 8.33 19.53 -13.92
CA ALA B 269 6.88 19.68 -14.18
C ALA B 269 6.02 18.44 -13.89
N ARG B 270 6.62 17.24 -14.00
CA ARG B 270 5.89 15.98 -13.77
C ARG B 270 5.67 15.76 -12.27
N PRO B 271 4.52 15.19 -11.87
CA PRO B 271 4.27 14.93 -10.46
C PRO B 271 4.97 13.68 -9.95
N THR B 272 4.83 13.42 -8.65
CA THR B 272 5.26 12.19 -8.00
C THR B 272 4.09 11.24 -7.98
N PHE B 273 4.35 9.95 -7.84
CA PHE B 273 3.29 8.94 -7.73
C PHE B 273 2.32 9.16 -6.55
N PRO B 274 2.84 9.52 -5.35
CA PRO B 274 1.94 10.02 -4.29
C PRO B 274 1.08 11.21 -4.71
N GLY B 275 1.68 12.14 -5.45
CA GLY B 275 0.95 13.24 -6.10
C GLY B 275 -0.14 12.77 -7.06
N ILE B 276 0.20 11.78 -7.89
CA ILE B 276 -0.76 11.16 -8.82
C ILE B 276 -1.90 10.44 -8.06
N GLU B 277 -1.54 9.65 -7.04
CA GLU B 277 -2.48 8.88 -6.23
C GLU B 277 -3.54 9.74 -5.54
N GLU B 278 -3.13 10.88 -4.97
CA GLU B 278 -4.04 11.83 -4.29
C GLU B 278 -5.09 12.43 -5.24
N LYS B 279 -4.71 12.65 -6.50
CA LYS B 279 -5.64 13.12 -7.57
C LYS B 279 -6.48 11.97 -8.13
N PHE B 280 -5.84 10.86 -8.47
CA PHE B 280 -6.52 9.78 -9.21
C PHE B 280 -7.48 8.93 -8.37
N ARG B 281 -7.14 8.65 -7.11
CA ARG B 281 -7.97 7.80 -6.26
C ARG B 281 -9.41 8.31 -6.08
N PRO B 282 -9.61 9.60 -5.71
CA PRO B 282 -11.00 10.13 -5.66
C PRO B 282 -11.74 10.12 -7.00
N PHE B 283 -11.01 10.35 -8.10
CA PHE B 283 -11.57 10.23 -9.44
C PHE B 283 -12.02 8.80 -9.77
N TYR B 284 -11.16 7.82 -9.47
CA TYR B 284 -11.52 6.41 -9.63
C TYR B 284 -12.80 6.04 -8.84
N LEU B 285 -12.89 6.53 -7.60
CA LEU B 285 -14.03 6.24 -6.72
C LEU B 285 -15.35 6.88 -7.18
N SER B 286 -15.29 8.15 -7.54
CA SER B 286 -16.48 8.90 -7.99
C SER B 286 -16.97 8.45 -9.37
N GLN B 287 -16.04 8.35 -10.33
CA GLN B 287 -16.37 8.08 -11.74
C GLN B 287 -16.28 6.62 -12.19
N LEU B 288 -15.13 5.99 -11.96
CA LEU B 288 -14.77 4.76 -12.69
C LEU B 288 -15.32 3.45 -12.12
N GLU B 289 -15.33 3.29 -10.79
CA GLU B 289 -15.92 2.11 -10.13
C GLU B 289 -17.44 2.23 -9.95
C1 A1BU4 C . -2.05 5.86 13.73
C2 A1BU4 C . -0.81 6.07 14.33
C3 A1BU4 C . -0.09 7.24 14.08
C4 A1BU4 C . -0.65 8.20 13.23
C5 A1BU4 C . -1.89 7.99 12.63
C6 A1BU4 C . -2.58 6.82 12.88
C7 A1BU4 C . -2.43 9.07 11.70
C12 A1BU4 C . -1.21 9.45 10.79
O14 A1BU4 C . -4.68 9.70 13.22
C15 A1BU4 C . -4.14 11.86 14.04
C16 A1BU4 C . -3.23 11.98 15.28
C17 A1BU4 C . -4.06 13.13 13.18
C18 A1BU4 C . -5.57 11.85 14.60
N8 A1BU4 C . -2.69 10.30 12.53
C9 A1BU4 C . -1.50 11.15 12.32
C10 A1BU4 C . -0.38 10.21 11.85
O11 A1BU4 C . 0.01 9.35 12.95
C13 A1BU4 C . -3.84 10.58 13.24
I IOD D . -7.57 -16.01 6.68
I IOD E . -0.59 -9.92 -0.53
C1 A1BU4 F . 10.35 -3.79 -9.86
C2 A1BU4 F . 11.60 -3.37 -9.43
C3 A1BU4 F . 12.31 -4.15 -8.52
C4 A1BU4 F . 11.77 -5.34 -8.05
C5 A1BU4 F . 10.51 -5.76 -8.50
C6 A1BU4 F . 9.80 -4.98 -9.40
C7 A1BU4 F . 9.95 -7.08 -7.95
C12 A1BU4 F . 10.24 -7.02 -6.41
O14 A1BU4 F . 9.99 -8.22 -10.49
C15 A1BU4 F . 11.66 -9.88 -10.28
C16 A1BU4 F . 13.09 -9.40 -10.55
C17 A1BU4 F . 11.69 -11.13 -9.39
C18 A1BU4 F . 11.14 -10.37 -11.65
N8 A1BU4 F . 10.83 -8.19 -8.47
C9 A1BU4 F . 11.79 -8.45 -7.37
C10 A1BU4 F . 11.79 -7.21 -6.47
O11 A1BU4 F . 12.43 -6.12 -7.15
C13 A1BU4 F . 10.77 -8.75 -9.72
I IOD G . -7.14 12.53 -11.92
I IOD H . -4.79 8.51 -1.12
I IOD I . 25.52 -18.81 -1.96
I IOD J . 29.07 -12.34 -13.91
I IOD K . -10.04 2.79 -3.13
#